data_9GQ6
#
_entry.id   9GQ6
#
_cell.length_a   48.843
_cell.length_b   48.843
_cell.length_c   194.255
_cell.angle_alpha   90
_cell.angle_beta   90
_cell.angle_gamma   120
#
_symmetry.space_group_name_H-M   'P 32 2 1'
#
loop_
_entity.id
_entity.type
_entity.pdbx_description
1 polymer 'Peptidyl-prolyl cis-trans isomerase FKBP5'
2 non-polymer (2~{S},9~{S})-2-cyclohexyl-19,22-dimethoxy-11,17-dioxa-4-azatricyclo[16.2.2.0^{4,9}]docosa-1(20),18,21-triene-3,10-dione
3 water water
#
_entity_poly.entity_id   1
_entity_poly.type   'polypeptide(L)'
_entity_poly.pdbx_seq_one_letter_code
;GAPATVTEQGEDITSKKDRGVLKIVKRVGNGEETPMIGDKVYVHYKGKLSNGKKFDSSHDRNEPFVFSLGKGQVIKAWDI
GVATMKKGEIAHLLIKPEYAYGSAGSLPKIPSNATLFFEIELLDFKGE
;
_entity_poly.pdbx_strand_id   B,A
#
loop_
_chem_comp.id
_chem_comp.type
_chem_comp.name
_chem_comp.formula
A1IN4 non-polymer (2~{S},9~{S})-2-cyclohexyl-19,22-dimethoxy-11,17-dioxa-4-azatricyclo[16.2.2.0^{4,9}]docosa-1(20),18,21-triene-3,10-dione 'C27 H39 N O6'
#
# COMPACT_ATOMS: atom_id res chain seq x y z
N GLY A 1 1.72 -31.58 -0.97
CA GLY A 1 2.79 -31.21 -1.93
C GLY A 1 3.57 -30.00 -1.44
N ALA A 2 3.75 -29.01 -2.32
CA ALA A 2 4.68 -27.94 -2.07
C ALA A 2 4.30 -27.14 -0.81
N PRO A 3 3.00 -26.79 -0.61
CA PRO A 3 2.56 -26.06 0.58
C PRO A 3 2.77 -26.81 1.90
N ALA A 4 2.45 -28.09 1.93
CA ALA A 4 2.65 -28.88 3.12
C ALA A 4 4.15 -28.99 3.48
N THR A 5 5.03 -29.09 2.48
CA THR A 5 6.48 -29.14 2.70
C THR A 5 6.91 -27.80 3.33
N VAL A 6 6.20 -26.72 3.05
CA VAL A 6 6.57 -25.44 3.64
C VAL A 6 6.10 -25.36 5.09
N THR A 7 4.85 -25.77 5.36
CA THR A 7 4.41 -26.04 6.72
C THR A 7 5.48 -26.84 7.48
N GLU A 8 6.02 -27.91 6.87
CA GLU A 8 6.88 -28.85 7.58
C GLU A 8 8.31 -28.32 7.73
N GLN A 9 8.88 -27.73 6.68
CA GLN A 9 10.32 -27.48 6.59
C GLN A 9 10.60 -25.97 6.48
N GLY A 10 9.55 -25.14 6.40
CA GLY A 10 9.73 -23.73 6.08
C GLY A 10 10.37 -22.97 7.22
N GLU A 11 11.21 -21.98 6.88
CA GLU A 11 11.81 -21.08 7.86
C GLU A 11 10.79 -20.00 8.16
N ASP A 12 10.59 -19.67 9.44
CA ASP A 12 9.70 -18.58 9.81
C ASP A 12 10.49 -17.30 9.66
N ILE A 13 10.12 -16.44 8.68
CA ILE A 13 10.88 -15.20 8.43
C ILE A 13 10.15 -13.98 8.98
N THR A 14 9.15 -14.17 9.84
CA THR A 14 8.56 -13.02 10.54
C THR A 14 9.50 -12.55 11.65
N SER A 15 9.42 -11.24 11.94
CA SER A 15 10.09 -10.64 13.07
C SER A 15 9.47 -11.08 14.38
N LYS A 16 8.15 -11.29 14.35
CA LYS A 16 7.41 -11.69 15.54
C LYS A 16 7.48 -13.19 15.79
N LYS A 17 7.95 -13.99 14.81
CA LYS A 17 8.06 -15.44 14.95
C LYS A 17 6.70 -16.06 15.24
N ASP A 18 5.73 -15.71 14.40
CA ASP A 18 4.34 -16.15 14.54
C ASP A 18 3.95 -17.08 13.40
N ARG A 19 4.96 -17.58 12.66
CA ARG A 19 4.77 -18.47 11.51
C ARG A 19 3.85 -17.87 10.47
N GLY A 20 3.83 -16.52 10.39
CA GLY A 20 2.91 -15.86 9.49
C GLY A 20 3.41 -15.91 8.05
N VAL A 21 4.72 -16.01 7.89
CA VAL A 21 5.35 -16.10 6.59
C VAL A 21 6.40 -17.17 6.74
N LEU A 22 6.20 -18.30 6.06
CA LEU A 22 7.15 -19.41 6.01
C LEU A 22 7.79 -19.53 4.62
N LYS A 23 9.09 -19.84 4.59
CA LYS A 23 9.84 -19.89 3.34
C LYS A 23 10.70 -21.14 3.22
N ILE A 24 10.74 -21.71 2.00
CA ILE A 24 11.78 -22.63 1.54
C ILE A 24 12.38 -22.03 0.28
N VAL A 25 13.71 -21.97 0.25
CA VAL A 25 14.47 -21.73 -0.96
C VAL A 25 14.48 -23.02 -1.79
N LYS A 26 13.97 -22.97 -3.02
CA LYS A 26 13.93 -24.15 -3.87
C LYS A 26 15.07 -24.14 -4.90
N ARG A 27 15.47 -22.97 -5.41
CA ARG A 27 16.65 -22.88 -6.26
C ARG A 27 17.47 -21.69 -5.78
N VAL A 28 18.76 -21.89 -5.53
CA VAL A 28 19.56 -20.90 -4.84
C VAL A 28 20.03 -19.87 -5.86
N GLY A 29 20.04 -18.60 -5.43
CA GLY A 29 20.49 -17.48 -6.25
C GLY A 29 22.01 -17.33 -6.21
N ASN A 30 22.48 -16.12 -6.49
CA ASN A 30 23.89 -15.76 -6.46
C ASN A 30 24.00 -14.31 -6.00
N GLY A 31 25.22 -13.89 -5.66
CA GLY A 31 25.44 -12.59 -5.05
C GLY A 31 25.09 -12.65 -3.57
N GLU A 32 25.77 -11.81 -2.79
CA GLU A 32 25.52 -11.64 -1.38
C GLU A 32 24.34 -10.68 -1.15
N GLU A 33 23.96 -9.90 -2.19
CA GLU A 33 23.08 -8.75 -2.04
C GLU A 33 21.62 -9.20 -2.11
N THR A 34 20.82 -8.73 -1.15
CA THR A 34 19.38 -8.93 -1.19
C THR A 34 18.72 -7.58 -1.43
N PRO A 35 17.48 -7.50 -1.94
CA PRO A 35 16.89 -6.19 -2.14
C PRO A 35 16.75 -5.38 -0.84
N MET A 36 17.08 -4.09 -0.89
CA MET A 36 16.82 -3.12 0.16
C MET A 36 15.46 -2.45 -0.10
N ILE A 37 14.82 -1.93 0.96
CA ILE A 37 13.57 -1.20 0.82
C ILE A 37 13.79 -0.03 -0.17
N GLY A 38 12.86 0.13 -1.13
CA GLY A 38 12.98 1.19 -2.11
C GLY A 38 13.32 0.67 -3.51
N ASP A 39 13.96 -0.50 -3.55
CA ASP A 39 14.45 -1.05 -4.81
C ASP A 39 13.30 -1.39 -5.76
N LYS A 40 13.56 -1.27 -7.07
CA LYS A 40 12.67 -1.79 -8.09
C LYS A 40 12.99 -3.28 -8.25
N VAL A 41 11.98 -4.11 -8.03
CA VAL A 41 12.17 -5.55 -8.01
C VAL A 41 11.40 -6.19 -9.17
N TYR A 42 12.03 -7.13 -9.86
CA TYR A 42 11.44 -7.82 -11.00
C TYR A 42 11.30 -9.31 -10.65
N VAL A 43 10.08 -9.88 -10.69
CA VAL A 43 9.90 -11.29 -10.36
C VAL A 43 9.01 -12.00 -11.39
N HIS A 44 9.08 -13.34 -11.40
CA HIS A 44 8.01 -14.20 -11.88
C HIS A 44 7.42 -14.97 -10.69
N TYR A 45 6.11 -15.26 -10.74
CA TYR A 45 5.47 -15.92 -9.61
C TYR A 45 4.33 -16.78 -10.10
N LYS A 46 4.02 -17.79 -9.29
CA LYS A 46 2.78 -18.54 -9.36
C LYS A 46 2.15 -18.51 -7.99
N GLY A 47 0.88 -18.15 -7.91
CA GLY A 47 0.26 -18.06 -6.59
C GLY A 47 -1.08 -18.79 -6.59
N LYS A 48 -1.53 -19.20 -5.41
CA LYS A 48 -2.84 -19.79 -5.24
C LYS A 48 -3.39 -19.58 -3.85
N LEU A 49 -4.68 -19.77 -3.69
CA LEU A 49 -5.32 -19.73 -2.37
C LEU A 49 -5.13 -21.13 -1.81
N SER A 50 -5.05 -21.24 -0.48
CA SER A 50 -5.13 -22.56 0.15
C SER A 50 -6.41 -23.33 -0.16
N ASN A 51 -7.53 -22.66 -0.40
CA ASN A 51 -8.77 -23.38 -0.71
C ASN A 51 -8.75 -24.03 -2.11
N GLY A 52 -7.68 -23.84 -2.90
CA GLY A 52 -7.53 -24.55 -4.17
C GLY A 52 -8.33 -23.94 -5.33
N LYS A 53 -9.01 -22.80 -5.10
CA LYS A 53 -10.07 -22.36 -5.98
C LYS A 53 -9.58 -21.21 -6.87
N LYS A 54 -8.39 -20.63 -6.62
CA LYS A 54 -7.87 -19.60 -7.52
C LYS A 54 -6.36 -19.76 -7.67
N PHE A 55 -5.90 -19.60 -8.91
CA PHE A 55 -4.49 -19.60 -9.28
C PHE A 55 -4.20 -18.38 -10.14
N ASP A 56 -2.98 -17.90 -10.07
CA ASP A 56 -2.61 -16.70 -10.78
C ASP A 56 -1.11 -16.77 -11.02
N SER A 57 -0.68 -16.40 -12.22
CA SER A 57 0.73 -16.45 -12.53
C SER A 57 1.11 -15.21 -13.34
N SER A 58 2.31 -14.68 -13.05
CA SER A 58 2.87 -13.60 -13.84
C SER A 58 2.95 -14.03 -15.30
N HIS A 59 3.17 -15.34 -15.55
CA HIS A 59 3.35 -15.85 -16.90
C HIS A 59 2.08 -15.73 -17.73
N ASP A 60 0.91 -15.81 -17.07
CA ASP A 60 -0.37 -15.53 -17.68
C ASP A 60 -0.34 -14.20 -18.46
N ARG A 61 0.40 -13.21 -17.94
CA ARG A 61 0.50 -11.89 -18.54
C ARG A 61 1.70 -11.82 -19.50
N ASN A 62 2.43 -12.93 -19.69
CA ASN A 62 3.61 -12.96 -20.54
C ASN A 62 4.54 -11.80 -20.19
N GLU A 63 4.72 -11.47 -18.90
CA GLU A 63 5.68 -10.43 -18.54
C GLU A 63 6.00 -10.47 -17.05
N PRO A 64 7.22 -10.06 -16.64
CA PRO A 64 7.57 -9.98 -15.22
C PRO A 64 6.57 -9.13 -14.44
N PHE A 65 6.42 -9.43 -13.15
CA PHE A 65 5.73 -8.60 -12.19
C PHE A 65 6.76 -7.68 -11.54
N VAL A 66 6.53 -6.36 -11.60
CA VAL A 66 7.50 -5.38 -11.14
C VAL A 66 6.85 -4.60 -10.01
N PHE A 67 7.62 -4.35 -8.95
CA PHE A 67 7.11 -3.56 -7.83
C PHE A 67 8.27 -2.98 -7.02
N SER A 68 7.97 -1.96 -6.22
CA SER A 68 8.99 -1.29 -5.42
C SER A 68 8.90 -1.83 -4.00
N LEU A 69 9.99 -2.45 -3.55
CA LEU A 69 9.99 -3.17 -2.30
C LEU A 69 9.75 -2.22 -1.13
N GLY A 70 8.84 -2.63 -0.23
CA GLY A 70 8.54 -1.87 0.97
C GLY A 70 7.75 -0.59 0.69
N LYS A 71 7.26 -0.40 -0.56
CA LYS A 71 6.68 0.89 -0.94
C LYS A 71 5.17 0.71 -1.04
N GLY A 72 4.60 -0.26 -0.31
CA GLY A 72 3.16 -0.40 -0.13
C GLY A 72 2.40 -1.04 -1.30
N GLN A 73 3.09 -1.63 -2.27
CA GLN A 73 2.42 -2.05 -3.49
C GLN A 73 1.95 -3.51 -3.44
N VAL A 74 2.42 -4.31 -2.48
CA VAL A 74 2.16 -5.73 -2.43
C VAL A 74 1.81 -6.08 -0.98
N ILE A 75 1.37 -7.29 -0.76
CA ILE A 75 1.10 -7.75 0.60
C ILE A 75 2.37 -7.78 1.44
N LYS A 76 2.20 -7.51 2.75
CA LYS A 76 3.27 -7.50 3.73
C LYS A 76 4.21 -8.70 3.54
N ALA A 77 3.65 -9.90 3.33
CA ALA A 77 4.45 -11.11 3.17
C ALA A 77 5.43 -10.99 2.02
N TRP A 78 5.03 -10.25 0.96
CA TRP A 78 5.96 -10.10 -0.15
C TRP A 78 7.06 -9.16 0.21
N ASP A 79 6.73 -8.05 0.91
CA ASP A 79 7.76 -7.11 1.29
C ASP A 79 8.76 -7.81 2.20
N ILE A 80 8.25 -8.67 3.11
CA ILE A 80 9.10 -9.44 4.00
C ILE A 80 9.87 -10.49 3.21
N GLY A 81 9.19 -11.28 2.36
CA GLY A 81 9.82 -12.45 1.78
C GLY A 81 10.84 -12.12 0.70
N VAL A 82 10.49 -11.16 -0.18
CA VAL A 82 11.33 -10.87 -1.31
C VAL A 82 12.60 -10.18 -0.79
N ALA A 83 12.54 -9.42 0.33
CA ALA A 83 13.75 -8.85 0.92
C ALA A 83 14.77 -9.92 1.30
N THR A 84 14.33 -11.16 1.49
CA THR A 84 15.26 -12.23 1.84
C THR A 84 15.87 -12.89 0.61
N MET A 85 15.47 -12.55 -0.62
CA MET A 85 15.86 -13.40 -1.74
C MET A 85 17.11 -12.87 -2.45
N LYS A 86 17.82 -13.78 -3.12
CA LYS A 86 18.98 -13.39 -3.92
C LYS A 86 18.59 -13.46 -5.39
N LYS A 87 19.36 -12.77 -6.26
CA LYS A 87 19.11 -12.70 -7.70
C LYS A 87 19.09 -14.14 -8.23
N GLY A 88 18.04 -14.50 -8.97
CA GLY A 88 17.95 -15.84 -9.53
C GLY A 88 17.45 -16.89 -8.52
N GLU A 89 17.09 -16.48 -7.30
CA GLU A 89 16.52 -17.42 -6.34
C GLU A 89 15.07 -17.76 -6.72
N ILE A 90 14.69 -19.05 -6.57
CA ILE A 90 13.28 -19.43 -6.49
C ILE A 90 12.98 -19.88 -5.06
N ALA A 91 11.92 -19.30 -4.50
CA ALA A 91 11.48 -19.60 -3.15
C ALA A 91 9.98 -19.91 -3.17
N HIS A 92 9.57 -20.74 -2.20
CA HIS A 92 8.19 -21.02 -1.81
C HIS A 92 7.85 -20.26 -0.52
N LEU A 93 6.72 -19.55 -0.50
CA LEU A 93 6.21 -18.82 0.66
C LEU A 93 4.80 -19.31 0.97
N LEU A 94 4.55 -19.65 2.25
CA LEU A 94 3.22 -19.92 2.74
C LEU A 94 2.84 -18.82 3.74
N ILE A 95 1.65 -18.26 3.57
CA ILE A 95 1.29 -16.97 4.15
C ILE A 95 -0.06 -17.02 4.85
N LYS A 96 -0.05 -16.74 6.17
CA LYS A 96 -1.26 -16.61 6.95
C LYS A 96 -1.93 -15.26 6.67
N PRO A 97 -3.26 -15.14 6.92
CA PRO A 97 -4.03 -13.99 6.47
C PRO A 97 -3.53 -12.63 6.99
N GLU A 98 -2.94 -12.62 8.17
CA GLU A 98 -2.44 -11.40 8.79
C GLU A 98 -1.36 -10.72 7.96
N TYR A 99 -0.67 -11.45 7.09
CA TYR A 99 0.39 -10.94 6.26
C TYR A 99 -0.06 -10.91 4.78
N ALA A 100 -1.37 -11.08 4.54
CA ALA A 100 -1.94 -11.05 3.20
C ALA A 100 -3.14 -10.13 3.16
N TYR A 101 -4.36 -10.66 3.15
CA TYR A 101 -5.55 -9.85 2.98
C TYR A 101 -6.47 -9.82 4.19
N GLY A 102 -6.04 -10.45 5.30
CA GLY A 102 -6.63 -10.20 6.62
C GLY A 102 -8.05 -10.71 6.74
N SER A 103 -8.78 -10.14 7.73
CA SER A 103 -10.13 -10.62 7.97
C SER A 103 -11.05 -10.11 6.88
N ALA A 104 -10.73 -8.95 6.32
CA ALA A 104 -11.60 -8.37 5.31
C ALA A 104 -11.43 -9.10 3.98
N GLY A 105 -10.24 -9.62 3.75
CA GLY A 105 -9.96 -10.23 2.46
C GLY A 105 -9.97 -9.18 1.36
N SER A 106 -10.19 -9.63 0.10
CA SER A 106 -10.21 -8.77 -1.05
C SER A 106 -11.16 -9.36 -2.08
N LEU A 107 -12.44 -9.19 -1.79
CA LEU A 107 -13.51 -9.90 -2.44
C LEU A 107 -13.71 -9.39 -3.87
N PRO A 108 -14.14 -10.27 -4.81
CA PRO A 108 -14.41 -11.69 -4.57
C PRO A 108 -13.18 -12.57 -4.77
N LYS A 109 -12.05 -11.97 -5.17
CA LYS A 109 -10.87 -12.71 -5.56
C LYS A 109 -10.20 -13.39 -4.37
N ILE A 110 -10.10 -12.70 -3.22
CA ILE A 110 -9.49 -13.29 -2.03
C ILE A 110 -10.52 -13.35 -0.91
N PRO A 111 -10.89 -14.52 -0.33
CA PRO A 111 -11.89 -14.50 0.73
C PRO A 111 -11.29 -13.99 2.05
N SER A 112 -12.19 -13.77 3.01
CA SER A 112 -11.77 -13.46 4.36
C SER A 112 -10.88 -14.58 4.90
N ASN A 113 -9.80 -14.18 5.57
CA ASN A 113 -9.01 -15.07 6.41
C ASN A 113 -8.32 -16.11 5.53
N ALA A 114 -7.85 -15.68 4.33
CA ALA A 114 -7.28 -16.62 3.36
C ALA A 114 -5.78 -16.82 3.61
N THR A 115 -5.36 -18.09 3.62
CA THR A 115 -3.95 -18.45 3.51
C THR A 115 -3.57 -18.52 2.02
N LEU A 116 -2.36 -18.06 1.67
CA LEU A 116 -1.92 -18.01 0.28
C LEU A 116 -0.57 -18.71 0.18
N PHE A 117 -0.30 -19.27 -1.02
CA PHE A 117 0.96 -19.90 -1.34
C PHE A 117 1.51 -19.26 -2.61
N PHE A 118 2.83 -19.04 -2.64
CA PHE A 118 3.49 -18.52 -3.82
C PHE A 118 4.78 -19.28 -4.11
N GLU A 119 5.05 -19.50 -5.40
CA GLU A 119 6.40 -19.74 -5.89
C GLU A 119 6.88 -18.41 -6.51
N ILE A 120 8.06 -17.94 -6.09
CA ILE A 120 8.61 -16.68 -6.57
C ILE A 120 10.01 -16.90 -7.12
N GLU A 121 10.23 -16.40 -8.35
CA GLU A 121 11.57 -16.25 -8.89
C GLU A 121 12.00 -14.79 -8.86
N LEU A 122 13.10 -14.49 -8.17
CA LEU A 122 13.66 -13.14 -8.20
C LEU A 122 14.56 -12.98 -9.43
N LEU A 123 14.09 -12.21 -10.43
CA LEU A 123 14.82 -12.08 -11.69
C LEU A 123 15.92 -11.03 -11.55
N ASP A 124 15.55 -9.83 -11.08
CA ASP A 124 16.50 -8.74 -10.90
C ASP A 124 15.93 -7.70 -9.93
N PHE A 125 16.81 -6.85 -9.40
CA PHE A 125 16.41 -5.72 -8.57
C PHE A 125 17.43 -4.59 -8.76
N LYS A 126 16.94 -3.36 -8.98
CA LYS A 126 17.76 -2.19 -9.25
C LYS A 126 17.41 -1.09 -8.24
N GLY A 127 18.40 -0.24 -7.94
CA GLY A 127 18.21 0.82 -6.96
C GLY A 127 17.33 1.92 -7.52
N GLU A 128 16.43 2.43 -6.67
CA GLU A 128 15.82 3.74 -6.91
C GLU A 128 16.93 4.69 -7.45
N THR B 5 -27.97 14.96 -0.43
CA THR B 5 -26.61 14.84 -1.04
C THR B 5 -26.34 13.40 -1.53
N VAL B 6 -25.35 13.29 -2.44
CA VAL B 6 -24.90 12.05 -3.06
C VAL B 6 -23.52 11.74 -2.47
N THR B 7 -23.11 10.47 -2.57
CA THR B 7 -21.77 10.06 -2.11
C THR B 7 -20.71 10.65 -3.03
N GLU B 8 -20.86 10.44 -4.36
CA GLU B 8 -19.90 10.88 -5.37
C GLU B 8 -20.11 12.35 -5.72
N GLN B 9 -20.18 13.22 -4.69
CA GLN B 9 -20.21 14.68 -4.89
C GLN B 9 -18.81 15.28 -4.60
N GLY B 10 -18.59 16.55 -4.98
CA GLY B 10 -17.26 17.11 -4.95
C GLY B 10 -16.61 17.20 -6.33
N GLU B 11 -15.57 18.03 -6.41
CA GLU B 11 -14.84 18.26 -7.64
C GLU B 11 -13.80 17.16 -7.79
N ASP B 12 -13.74 16.59 -9.00
CA ASP B 12 -12.74 15.59 -9.33
C ASP B 12 -11.44 16.33 -9.61
N ILE B 13 -10.45 16.14 -8.73
CA ILE B 13 -9.18 16.85 -8.83
C ILE B 13 -8.08 15.93 -9.37
N THR B 14 -8.46 14.76 -9.89
CA THR B 14 -7.51 13.86 -10.56
C THR B 14 -7.13 14.44 -11.92
N SER B 15 -5.89 14.15 -12.36
CA SER B 15 -5.43 14.48 -13.68
C SER B 15 -6.15 13.66 -14.74
N LYS B 16 -6.45 12.43 -14.39
CA LYS B 16 -7.05 11.47 -15.29
C LYS B 16 -8.57 11.64 -15.38
N LYS B 17 -9.17 12.41 -14.46
CA LYS B 17 -10.61 12.64 -14.42
C LYS B 17 -11.38 11.32 -14.31
N ASP B 18 -11.06 10.54 -13.30
CA ASP B 18 -11.69 9.24 -13.08
C ASP B 18 -12.55 9.24 -11.80
N ARG B 19 -12.86 10.45 -11.30
CA ARG B 19 -13.66 10.65 -10.10
C ARG B 19 -13.10 9.88 -8.91
N GLY B 20 -11.76 9.72 -8.86
CA GLY B 20 -11.12 8.94 -7.83
C GLY B 20 -10.73 9.73 -6.59
N VAL B 21 -10.61 11.05 -6.74
CA VAL B 21 -10.30 11.93 -5.64
C VAL B 21 -11.26 13.09 -5.82
N LEU B 22 -12.22 13.22 -4.88
CA LEU B 22 -13.28 14.20 -4.90
C LEU B 22 -13.14 15.13 -3.71
N LYS B 23 -13.22 16.44 -4.00
CA LYS B 23 -12.94 17.46 -3.01
C LYS B 23 -14.11 18.42 -2.89
N ILE B 24 -14.43 18.80 -1.63
CA ILE B 24 -15.24 19.93 -1.27
C ILE B 24 -14.45 20.83 -0.33
N VAL B 25 -14.45 22.13 -0.63
CA VAL B 25 -13.94 23.15 0.26
C VAL B 25 -15.01 23.44 1.30
N LYS B 26 -14.68 23.27 2.59
CA LYS B 26 -15.65 23.48 3.65
C LYS B 26 -15.47 24.85 4.32
N ARG B 27 -14.22 25.28 4.47
CA ARG B 27 -13.92 26.62 4.94
C ARG B 27 -12.86 27.17 4.00
N VAL B 28 -13.13 28.34 3.43
CA VAL B 28 -12.23 28.95 2.46
C VAL B 28 -11.04 29.55 3.20
N GLY B 29 -9.84 29.38 2.61
CA GLY B 29 -8.60 29.90 3.13
C GLY B 29 -8.38 31.32 2.61
N ASN B 30 -7.13 31.75 2.49
CA ASN B 30 -6.79 33.10 2.04
C ASN B 30 -5.44 33.04 1.32
N GLY B 31 -5.08 34.14 0.65
CA GLY B 31 -3.89 34.16 -0.18
C GLY B 31 -4.20 33.48 -1.51
N GLU B 32 -3.47 33.90 -2.55
CA GLU B 32 -3.59 33.34 -3.88
C GLU B 32 -2.74 32.08 -3.99
N GLU B 33 -1.81 31.86 -3.05
CA GLU B 33 -0.76 30.86 -3.19
C GLU B 33 -1.27 29.52 -2.67
N THR B 34 -1.07 28.46 -3.45
CA THR B 34 -1.20 27.09 -2.96
C THR B 34 0.20 26.49 -2.84
N PRO B 35 0.42 25.43 -2.05
CA PRO B 35 1.77 24.87 -1.95
C PRO B 35 2.32 24.43 -3.31
N MET B 36 3.61 24.74 -3.54
CA MET B 36 4.37 24.17 -4.65
C MET B 36 4.92 22.80 -4.20
N ILE B 37 5.11 21.90 -5.16
CA ILE B 37 5.70 20.60 -4.89
C ILE B 37 7.09 20.79 -4.24
N GLY B 38 7.35 20.08 -3.13
CA GLY B 38 8.61 20.27 -2.43
C GLY B 38 8.45 20.96 -1.08
N ASP B 39 7.35 21.72 -0.91
CA ASP B 39 7.14 22.51 0.28
C ASP B 39 6.97 21.62 1.52
N LYS B 40 7.39 22.14 2.68
CA LYS B 40 7.04 21.55 3.97
C LYS B 40 5.65 22.03 4.33
N VAL B 41 4.72 21.09 4.46
CA VAL B 41 3.30 21.41 4.63
C VAL B 41 2.85 20.97 6.01
N TYR B 42 2.07 21.83 6.68
CA TYR B 42 1.62 21.57 8.04
C TYR B 42 0.08 21.49 8.06
N VAL B 43 -0.49 20.36 8.50
CA VAL B 43 -1.94 20.21 8.51
C VAL B 43 -2.42 19.68 9.85
N HIS B 44 -3.73 19.86 10.10
CA HIS B 44 -4.50 19.00 11.00
C HIS B 44 -5.51 18.21 10.17
N TYR B 45 -5.83 16.99 10.59
CA TYR B 45 -6.71 16.12 9.81
C TYR B 45 -7.50 15.21 10.74
N LYS B 46 -8.67 14.81 10.26
CA LYS B 46 -9.48 13.74 10.83
C LYS B 46 -9.77 12.80 9.66
N GLY B 47 -9.35 11.55 9.79
CA GLY B 47 -9.56 10.61 8.71
C GLY B 47 -10.33 9.40 9.20
N LYS B 48 -10.92 8.68 8.26
CA LYS B 48 -11.59 7.44 8.59
C LYS B 48 -11.68 6.59 7.32
N LEU B 49 -11.93 5.29 7.52
CA LEU B 49 -12.43 4.43 6.46
C LEU B 49 -13.89 4.83 6.24
N SER B 50 -14.44 4.64 5.05
CA SER B 50 -15.85 4.91 4.83
C SER B 50 -16.76 3.96 5.61
N ASN B 51 -16.28 2.74 5.89
CA ASN B 51 -17.09 1.76 6.58
C ASN B 51 -17.24 2.09 8.07
N GLY B 52 -16.56 3.16 8.57
CA GLY B 52 -16.72 3.65 9.93
C GLY B 52 -16.05 2.76 10.99
N LYS B 53 -15.11 1.89 10.57
CA LYS B 53 -14.51 0.91 11.48
C LYS B 53 -13.18 1.44 12.03
N LYS B 54 -12.59 2.47 11.41
CA LYS B 54 -11.37 3.08 11.94
C LYS B 54 -11.41 4.59 11.71
N PHE B 55 -10.91 5.32 12.72
CA PHE B 55 -10.74 6.76 12.73
C PHE B 55 -9.33 7.10 13.18
N ASP B 56 -8.83 8.21 12.70
CA ASP B 56 -7.48 8.62 13.05
C ASP B 56 -7.46 10.13 12.94
N SER B 57 -6.97 10.82 13.94
CA SER B 57 -6.88 12.28 13.86
C SER B 57 -5.51 12.76 14.33
N SER B 58 -4.99 13.80 13.68
CA SER B 58 -3.76 14.42 14.11
C SER B 58 -3.92 14.90 15.56
N HIS B 59 -5.15 15.28 15.95
CA HIS B 59 -5.40 15.81 17.28
C HIS B 59 -5.17 14.77 18.37
N ASP B 60 -5.43 13.50 18.04
CA ASP B 60 -5.08 12.36 18.90
C ASP B 60 -3.64 12.47 19.41
N ARG B 61 -2.73 12.97 18.55
CA ARG B 61 -1.32 13.09 18.88
C ARG B 61 -1.01 14.48 19.46
N ASN B 62 -2.03 15.34 19.62
CA ASN B 62 -1.83 16.71 20.07
C ASN B 62 -0.65 17.37 19.35
N GLU B 63 -0.53 17.18 18.02
CA GLU B 63 0.49 17.88 17.26
C GLU B 63 0.10 17.94 15.78
N PRO B 64 0.46 19.01 15.03
CA PRO B 64 0.24 19.03 13.59
C PRO B 64 0.95 17.86 12.90
N PHE B 65 0.37 17.39 11.80
CA PHE B 65 1.02 16.46 10.90
C PHE B 65 1.79 17.22 9.83
N VAL B 66 3.08 16.90 9.66
CA VAL B 66 3.93 17.61 8.72
C VAL B 66 4.43 16.62 7.66
N PHE B 67 4.56 17.08 6.40
CA PHE B 67 5.09 16.27 5.31
C PHE B 67 5.51 17.17 4.13
N SER B 68 6.30 16.59 3.21
CA SER B 68 6.81 17.32 2.05
C SER B 68 5.99 16.97 0.83
N LEU B 69 5.40 18.01 0.25
CA LEU B 69 4.40 17.83 -0.78
C LEU B 69 5.02 17.21 -2.03
N GLY B 70 4.33 16.20 -2.58
CA GLY B 70 4.73 15.58 -3.84
C GLY B 70 5.99 14.73 -3.71
N LYS B 71 6.44 14.46 -2.47
CA LYS B 71 7.63 13.66 -2.26
C LYS B 71 7.20 12.25 -1.83
N GLY B 72 5.93 11.88 -2.09
CA GLY B 72 5.41 10.53 -1.89
C GLY B 72 5.38 10.03 -0.44
N GLN B 73 5.35 10.93 0.54
CA GLN B 73 5.37 10.58 1.95
C GLN B 73 3.97 10.26 2.48
N VAL B 74 2.96 10.56 1.66
CA VAL B 74 1.58 10.37 1.99
C VAL B 74 0.97 9.72 0.77
N ILE B 75 -0.30 9.33 0.87
CA ILE B 75 -0.96 8.75 -0.27
C ILE B 75 -1.11 9.80 -1.38
N LYS B 76 -1.13 9.31 -2.62
CA LYS B 76 -1.27 10.10 -3.84
C LYS B 76 -2.36 11.17 -3.67
N ALA B 77 -3.55 10.79 -3.17
CA ALA B 77 -4.65 11.74 -2.98
C ALA B 77 -4.26 12.94 -2.12
N TRP B 78 -3.39 12.74 -1.11
CA TRP B 78 -2.95 13.89 -0.32
C TRP B 78 -2.04 14.80 -1.13
N ASP B 79 -1.10 14.21 -1.88
CA ASP B 79 -0.17 15.02 -2.65
C ASP B 79 -0.96 15.81 -3.69
N ILE B 80 -2.00 15.19 -4.26
CA ILE B 80 -2.85 15.87 -5.22
C ILE B 80 -3.70 16.90 -4.52
N GLY B 81 -4.35 16.51 -3.43
CA GLY B 81 -5.37 17.33 -2.81
C GLY B 81 -4.84 18.55 -2.07
N VAL B 82 -3.77 18.35 -1.31
CA VAL B 82 -3.22 19.43 -0.52
C VAL B 82 -2.58 20.48 -1.45
N ALA B 83 -2.09 20.08 -2.66
CA ALA B 83 -1.55 21.04 -3.60
C ALA B 83 -2.61 22.04 -4.04
N THR B 84 -3.89 21.68 -3.92
CA THR B 84 -4.97 22.57 -4.32
C THR B 84 -5.38 23.49 -3.18
N MET B 85 -4.88 23.32 -1.95
CA MET B 85 -5.50 24.03 -0.84
C MET B 85 -4.78 25.35 -0.54
N LYS B 86 -5.53 26.27 0.07
CA LYS B 86 -4.98 27.55 0.49
C LYS B 86 -4.79 27.54 2.00
N LYS B 87 -3.93 28.43 2.49
CA LYS B 87 -3.62 28.47 3.90
C LYS B 87 -4.91 28.78 4.67
N GLY B 88 -5.16 28.01 5.73
CA GLY B 88 -6.37 28.15 6.51
C GLY B 88 -7.58 27.47 5.89
N GLU B 89 -7.46 26.84 4.71
CA GLU B 89 -8.58 26.11 4.10
C GLU B 89 -8.86 24.83 4.89
N ILE B 90 -10.15 24.54 5.08
CA ILE B 90 -10.57 23.18 5.41
C ILE B 90 -11.28 22.57 4.22
N ALA B 91 -10.83 21.35 3.88
CA ALA B 91 -11.38 20.64 2.73
C ALA B 91 -11.68 19.21 3.16
N HIS B 92 -12.64 18.63 2.45
CA HIS B 92 -13.02 17.22 2.53
C HIS B 92 -12.58 16.52 1.25
N LEU B 93 -11.98 15.32 1.41
CA LEU B 93 -11.50 14.53 0.29
C LEU B 93 -12.08 13.12 0.42
N LEU B 94 -12.76 12.64 -0.61
CA LEU B 94 -13.24 11.26 -0.68
C LEU B 94 -12.40 10.58 -1.75
N ILE B 95 -11.80 9.47 -1.34
CA ILE B 95 -10.64 8.90 -2.00
C ILE B 95 -10.92 7.43 -2.27
N LYS B 96 -10.90 7.08 -3.55
CA LYS B 96 -10.98 5.67 -3.96
C LYS B 96 -9.64 5.00 -3.74
N PRO B 97 -9.60 3.63 -3.67
CA PRO B 97 -8.39 2.93 -3.28
C PRO B 97 -7.17 3.19 -4.17
N GLU B 98 -7.42 3.46 -5.47
CA GLU B 98 -6.35 3.66 -6.44
C GLU B 98 -5.47 4.89 -6.08
N TYR B 99 -5.98 5.80 -5.23
CA TYR B 99 -5.24 6.98 -4.82
C TYR B 99 -4.92 6.90 -3.33
N ALA B 100 -5.02 5.70 -2.75
CA ALA B 100 -4.77 5.47 -1.35
C ALA B 100 -3.90 4.21 -1.18
N TYR B 101 -4.47 3.08 -0.70
CA TYR B 101 -3.63 1.91 -0.45
C TYR B 101 -3.92 0.74 -1.40
N GLY B 102 -4.82 0.94 -2.35
CA GLY B 102 -4.92 0.04 -3.50
C GLY B 102 -5.54 -1.30 -3.11
N SER B 103 -5.39 -2.26 -4.02
CA SER B 103 -5.96 -3.57 -3.77
C SER B 103 -5.13 -4.31 -2.72
N ALA B 104 -3.84 -3.98 -2.62
CA ALA B 104 -2.96 -4.47 -1.59
C ALA B 104 -3.37 -4.05 -0.18
N GLY B 105 -3.90 -2.84 -0.04
CA GLY B 105 -4.26 -2.29 1.26
C GLY B 105 -3.00 -2.07 2.09
N SER B 106 -3.21 -1.87 3.38
CA SER B 106 -2.13 -1.63 4.31
C SER B 106 -2.51 -2.13 5.70
N LEU B 107 -2.52 -3.46 5.83
CA LEU B 107 -2.95 -4.12 7.03
C LEU B 107 -1.98 -3.85 8.18
N PRO B 108 -2.43 -3.80 9.46
CA PRO B 108 -3.82 -4.04 9.83
C PRO B 108 -4.70 -2.81 9.81
N LYS B 109 -4.13 -1.64 9.52
CA LYS B 109 -4.87 -0.39 9.52
C LYS B 109 -5.91 -0.34 8.40
N ILE B 110 -5.52 -0.67 7.17
CA ILE B 110 -6.35 -0.41 6.00
C ILE B 110 -6.62 -1.72 5.25
N PRO B 111 -7.89 -2.16 5.03
CA PRO B 111 -8.11 -3.37 4.24
C PRO B 111 -7.90 -3.15 2.74
N SER B 112 -7.87 -4.25 1.99
CA SER B 112 -7.86 -4.18 0.52
C SER B 112 -9.00 -3.29 0.02
N ASN B 113 -8.71 -2.46 -0.98
CA ASN B 113 -9.72 -1.78 -1.76
C ASN B 113 -10.54 -0.80 -0.92
N ALA B 114 -9.88 -0.12 0.05
CA ALA B 114 -10.63 0.74 0.97
C ALA B 114 -10.76 2.13 0.36
N THR B 115 -11.95 2.70 0.49
CA THR B 115 -12.22 4.12 0.30
C THR B 115 -11.97 4.85 1.61
N LEU B 116 -11.33 6.05 1.53
CA LEU B 116 -10.99 6.84 2.70
C LEU B 116 -11.64 8.22 2.59
N PHE B 117 -11.89 8.81 3.75
CA PHE B 117 -12.35 10.18 3.85
C PHE B 117 -11.42 10.91 4.81
N PHE B 118 -11.13 12.17 4.46
CA PHE B 118 -10.38 13.06 5.33
C PHE B 118 -11.01 14.44 5.33
N GLU B 119 -11.01 15.02 6.51
CA GLU B 119 -11.10 16.46 6.68
C GLU B 119 -9.69 16.95 6.96
N ILE B 120 -9.27 17.96 6.18
CA ILE B 120 -7.91 18.48 6.23
C ILE B 120 -7.98 19.98 6.41
N GLU B 121 -7.26 20.47 7.42
CA GLU B 121 -7.01 21.88 7.60
C GLU B 121 -5.56 22.19 7.22
N LEU B 122 -5.37 23.04 6.21
CA LEU B 122 -4.05 23.50 5.87
C LEU B 122 -3.63 24.65 6.79
N LEU B 123 -2.69 24.41 7.70
CA LEU B 123 -2.30 25.39 8.71
C LEU B 123 -1.26 26.33 8.10
N ASP B 124 -0.21 25.75 7.50
CA ASP B 124 0.88 26.52 6.96
C ASP B 124 1.67 25.69 5.95
N PHE B 125 2.44 26.40 5.10
CA PHE B 125 3.39 25.78 4.21
C PHE B 125 4.58 26.71 4.01
N LYS B 126 5.79 26.15 4.09
CA LYS B 126 7.05 26.87 3.91
C LYS B 126 7.87 26.14 2.83
N GLY B 127 8.61 26.87 1.99
CA GLY B 127 9.29 26.23 0.87
C GLY B 127 10.55 25.51 1.33
N GLU B 128 10.85 24.32 0.75
CA GLU B 128 11.98 23.51 1.17
C GLU B 128 13.22 24.44 1.33
CAK A1IN4 C . -4.36 -13.81 -6.93
CAL A1IN4 C . -5.29 -14.86 -6.52
CAM A1IN4 C . -4.45 -16.16 -6.19
CAN A1IN4 C . -3.42 -15.87 -5.11
CAO A1IN4 C . -2.50 -14.63 -5.41
CAJ A1IN4 C . -3.40 -13.46 -5.84
CAI A1IN4 C . -2.57 -12.25 -6.26
CAB A1IN4 C . -1.84 -11.67 -5.15
OAA A1IN4 C . -2.24 -11.71 -3.95
N A1IN4 C . -0.65 -11.04 -5.34
CAH A1IN4 C . -0.10 -10.83 -6.70
CAG A1IN4 C . 1.38 -10.84 -6.83
CAF A1IN4 C . 2.02 -9.92 -5.85
CB A1IN4 C . 1.69 -10.44 -4.45
CA A1IN4 C . 0.10 -10.31 -4.25
C A1IN4 C . -0.25 -8.90 -4.17
O A1IN4 C . 0.21 -8.18 -3.31
OBB A1IN4 C . -1.16 -8.49 -5.07
CBA A1IN4 C . -1.63 -7.05 -4.98
CAZ A1IN4 C . -2.63 -6.65 -5.97
CAY A1IN4 C . -2.34 -7.15 -7.33
CAX A1IN4 C . -3.31 -6.50 -8.40
CAW A1IN4 C . -4.83 -6.64 -8.10
OAV A1IN4 C . -5.49 -7.94 -8.57
CAU A1IN4 C . -4.82 -9.02 -8.07
CAR A1IN4 C . -3.92 -9.73 -8.84
OAS A1IN4 C . -3.90 -9.40 -10.14
CAT A1IN4 C . -2.78 -9.89 -10.96
CAQ A1IN4 C . -3.22 -10.85 -8.30
CAP A1IN4 C . -3.33 -11.17 -6.92
CBH A1IN4 C . -4.24 -10.37 -6.16
CBE A1IN4 C . -4.97 -9.31 -6.71
OBF A1IN4 C . -5.89 -8.52 -6.09
CBG A1IN4 C . -6.28 -9.03 -4.82
HAK A1IN4 C . -4.82 -12.94 -7.19
HB6 A1IN4 C . -3.95 -14.35 -7.74
HAL A1IN4 C . -5.98 -15.07 -7.34
HB7 A1IN4 C . -5.85 -14.55 -5.64
HAM A1IN4 C . -3.94 -16.50 -7.08
HB8 A1IN4 C . -5.13 -16.94 -5.83
HAN A1IN4 C . -2.78 -16.74 -4.99
HB9 A1IN4 C . -3.95 -15.69 -4.17
HCA A1IN4 C . -2.03 -14.24 -4.59
HAO A1IN4 C . -1.92 -14.75 -6.27
HAJ A1IN4 C . -3.99 -13.18 -4.98
HAI A1IN4 C . -1.87 -12.65 -6.98
HAH A1IN4 C . -0.45 -9.87 -7.07
HB5 A1IN4 C . -0.45 -11.59 -7.37
HAG A1IN4 C . 1.69 -10.50 -7.75
HB4 A1IN4 C . 1.82 -11.75 -6.56
HAF A1IN4 C . 1.66 -8.93 -5.83
HB3 A1IN4 C . 3.07 -9.99 -5.84
HB2 A1IN4 C . 1.81 -11.47 -4.32
HB1 A1IN4 C . 2.03 -9.88 -3.66
HA A1IN4 C . -0.14 -10.76 -3.29
HCH A1IN4 C . -2.21 -6.95 -4.14
HBA A1IN4 C . -0.90 -6.24 -5.03
HCG A1IN4 C . -3.58 -6.97 -5.77
HAZ A1IN4 C . -2.46 -5.55 -6.05
HCF A1IN4 C . -1.42 -6.84 -7.69
HAY A1IN4 C . -2.49 -8.17 -7.46
HCE A1IN4 C . -3.25 -5.46 -8.49
HAX A1IN4 C . -3.41 -7.08 -9.32
HCD A1IN4 C . -5.09 -6.70 -7.10
HAW A1IN4 C . -5.35 -5.91 -8.59
HCC A1IN4 C . -2.78 -9.37 -11.91
HAT A1IN4 C . -2.91 -10.97 -11.14
HCB A1IN4 C . -1.84 -9.71 -10.45
HAQ A1IN4 C . -2.52 -11.40 -8.91
HBH A1IN4 C . -4.36 -10.60 -5.11
HCJ A1IN4 C . -7.12 -8.44 -4.46
HBG A1IN4 C . -5.46 -8.94 -4.12
HCI A1IN4 C . -6.60 -10.07 -4.91
CAK A1IN4 D . -5.65 5.69 9.42
CAL A1IN4 D . -7.00 5.04 9.54
CAM A1IN4 D . -8.24 5.82 9.07
CAN A1IN4 D . -7.94 6.52 7.70
CAO A1IN4 D . -6.64 7.31 7.72
CAJ A1IN4 D . -5.49 6.39 8.04
CAI A1IN4 D . -4.13 7.17 8.02
CAB A1IN4 D . -3.75 7.61 6.68
OAA A1IN4 D . -4.10 6.92 5.69
N A1IN4 D . -3.05 8.78 6.48
CAH A1IN4 D . -2.48 9.50 7.70
CAG A1IN4 D . -2.54 10.98 7.49
CAF A1IN4 D . -1.62 11.31 6.35
CB A1IN4 D . -2.37 10.84 5.08
CA A1IN4 D . -2.53 9.29 5.12
C A1IN4 D . -1.29 8.69 4.85
O A1IN4 D . -0.66 8.86 3.82
OBB A1IN4 D . -0.79 7.89 5.85
CBA A1IN4 D . 0.60 7.53 5.77
CAZ A1IN4 D . 0.81 6.57 6.95
CAY A1IN4 D . 1.80 7.23 7.94
CAX A1IN4 D . 1.89 6.61 9.35
CAW A1IN4 D . 1.60 5.03 9.46
OAV A1IN4 D . 0.36 4.72 10.24
CAU A1IN4 D . -0.76 5.28 9.71
CAR A1IN4 D . -1.29 6.38 10.35
OAS A1IN4 D . -0.61 6.73 11.50
CAT A1IN4 D . -1.23 7.73 12.35
CAQ A1IN4 D . -2.43 6.98 9.82
CAP A1IN4 D . -2.99 6.50 8.62
CBH A1IN4 D . -2.38 5.38 7.98
CBE A1IN4 D . -1.28 4.76 8.52
OBF A1IN4 D . -0.59 3.65 7.97
CBG A1IN4 D . -1.19 3.05 6.81
HAK A1IN4 D . -4.89 4.98 9.33
HB6 A1IN4 D . -5.38 6.58 10.06
HAL A1IN4 D . -7.14 4.77 10.58
HB7 A1IN4 D . -6.96 4.10 8.96
HAM A1IN4 D . -8.49 6.57 9.82
HB8 A1IN4 D . -9.07 5.13 8.96
HAN A1IN4 D . -8.75 7.20 7.47
HB9 A1IN4 D . -7.87 5.76 6.93
HCA A1IN4 D . -6.36 7.65 6.79
HAO A1IN4 D . -6.54 8.02 8.50
HAJ A1IN4 D . -5.46 5.61 7.29
HAI A1IN4 D . -4.33 8.05 8.61
HAH A1IN4 D . -1.45 9.20 7.88
HB5 A1IN4 D . -3.06 9.32 8.59
HAG A1IN4 D . -2.05 11.58 8.23
HB4 A1IN4 D . -3.46 11.35 7.15
HAF A1IN4 D . -0.73 10.75 6.29
HB3 A1IN4 D . -1.50 12.33 6.14
HB2 A1IN4 D . -3.36 11.12 5.00
HB1 A1IN4 D . -1.79 11.05 4.22
HA A1IN4 D . -3.24 9.00 4.34
HCH A1IN4 D . 0.89 6.91 4.97
HBA A1IN4 D . 1.30 8.31 5.98
HCG A1IN4 D . 0.00 6.61 7.56
HAZ A1IN4 D . 1.07 5.56 6.69
HCF A1IN4 D . 2.78 7.06 7.64
HAY A1IN4 D . 1.63 8.25 8.22
HCE A1IN4 D . 2.88 6.57 9.61
HAX A1IN4 D . 1.38 7.12 10.10
HCD A1IN4 D . 1.36 4.52 8.58
HAW A1IN4 D . 2.18 4.48 10.15
HCC A1IN4 D . -0.63 7.84 13.26
HAT A1IN4 D . -2.23 7.41 12.63
HCB A1IN4 D . -1.27 8.68 11.83
HAQ A1IN4 D . -2.86 7.85 10.30
HBH A1IN4 D . -2.82 5.01 7.06
HCJ A1IN4 D . -0.61 2.17 6.54
HBG A1IN4 D . -1.17 3.75 5.98
HCI A1IN4 D . -2.21 2.75 7.03
#